data_2JXV
#
_entry.id   2JXV
#
_entity_poly.entity_id   1
_entity_poly.type   'polyribonucleotide'
_entity_poly.pdbx_seq_one_letter_code
;GGAGGUAGUAGGUCGAAAGACCAUUCUGCCUCC
;
_entity_poly.pdbx_strand_id   A
#
loop_
_chem_comp.id
_chem_comp.type
_chem_comp.name
_chem_comp.formula
A RNA linking ADENOSINE-5'-MONOPHOSPHATE 'C10 H14 N5 O7 P'
C RNA linking CYTIDINE-5'-MONOPHOSPHATE 'C9 H14 N3 O8 P'
G RNA linking GUANOSINE-5'-MONOPHOSPHATE 'C10 H14 N5 O8 P'
U RNA linking URIDINE-5'-MONOPHOSPHATE 'C9 H13 N2 O9 P'
#